data_5TOE
#
_entry.id   5TOE
#
_cell.length_a   97.246
_cell.length_b   97.246
_cell.length_c   81.081
_cell.angle_alpha   90.00
_cell.angle_beta   90.00
_cell.angle_gamma   120.00
#
_symmetry.space_group_name_H-M   'P 65'
#
loop_
_entity.id
_entity.type
_entity.pdbx_description
1 polymer 'Serine/threonine-protein kinase pim-1'
2 non-polymer 2-[4-(piperazin-1-yl)phenyl]-1H-pyrrolo[2,3-b]pyridine-4-carbonitrile
3 water water
#
_entity_poly.entity_id   1
_entity_poly.type   'polypeptide(L)'
_entity_poly.pdbx_seq_one_letter_code
;LESQYQVGPLLGSGGFGSVYSGIRVSDNLPVAIKHVEKDRISDWGELPNGTRVPMEVVLLKKVSSGFSGVIRLLDWFERP
DSFVLILERPEPVQDLFDFITERGALQEELARSFFWQVLEAVRHCHNCGVLHRDIKDENILIDLNRGELKLIDFGSGALL
KDTVYTDFDGTRVYSPPEWIRYHRYHGRSAAVWSLGILLYDMVCGDIPFEHDEEIIRGQVFFRQRVSSECQHLIRWCLAL
RPSDRPTFEEIQNHPWMQDVLLPQETAEIHLHS
;
_entity_poly.pdbx_strand_id   A
#
loop_
_chem_comp.id
_chem_comp.type
_chem_comp.name
_chem_comp.formula
7GK non-polymer 2-[4-(piperazin-1-yl)phenyl]-1H-pyrrolo[2,3-b]pyridine-4-carbonitrile 'C18 H17 N5'
#
# COMPACT_ATOMS: atom_id res chain seq x y z
N LEU A 1 -13.54 -1.34 -22.72
CA LEU A 1 -14.66 -1.58 -23.62
C LEU A 1 -15.76 -2.23 -22.81
N GLU A 2 -17.01 -1.83 -23.04
CA GLU A 2 -18.04 -2.33 -22.15
C GLU A 2 -18.67 -3.62 -22.67
N SER A 3 -18.36 -4.05 -23.88
CA SER A 3 -18.80 -5.41 -24.23
C SER A 3 -17.93 -6.47 -23.54
N GLN A 4 -16.67 -6.13 -23.23
CA GLN A 4 -15.77 -7.09 -22.61
C GLN A 4 -16.07 -7.32 -21.14
N TYR A 5 -16.61 -6.33 -20.44
CA TYR A 5 -16.79 -6.45 -19.00
C TYR A 5 -18.22 -6.13 -18.62
N GLN A 6 -18.69 -6.83 -17.58
CA GLN A 6 -19.97 -6.59 -16.97
C GLN A 6 -19.75 -5.87 -15.64
N VAL A 7 -20.33 -4.68 -15.51
CA VAL A 7 -20.07 -3.79 -14.39
C VAL A 7 -21.01 -4.12 -13.24
N GLY A 8 -20.46 -4.27 -12.04
CA GLY A 8 -21.24 -4.49 -10.84
C GLY A 8 -21.27 -3.26 -9.95
N PRO A 9 -21.42 -3.48 -8.64
CA PRO A 9 -21.55 -2.36 -7.71
C PRO A 9 -20.29 -1.51 -7.62
N LEU A 10 -20.50 -0.24 -7.26
CA LEU A 10 -19.39 0.62 -6.87
C LEU A 10 -18.78 0.13 -5.57
N LEU A 11 -17.48 -0.20 -5.60
CA LEU A 11 -16.80 -0.63 -4.38
C LEU A 11 -16.35 0.56 -3.54
N GLY A 12 -15.93 1.64 -4.19
CA GLY A 12 -15.47 2.78 -3.44
C GLY A 12 -15.04 3.87 -4.39
N SER A 13 -14.78 5.03 -3.80
CA SER A 13 -14.41 6.19 -4.60
C SER A 13 -13.68 7.17 -3.70
N GLY A 14 -12.81 7.96 -4.31
CA GLY A 14 -11.95 8.84 -3.54
C GLY A 14 -10.91 9.48 -4.46
N GLY A 15 -9.80 9.91 -3.85
CA GLY A 15 -8.71 10.50 -4.61
C GLY A 15 -8.12 9.58 -5.64
N PHE A 16 -8.36 8.28 -5.52
CA PHE A 16 -7.98 7.31 -6.54
C PHE A 16 -9.00 7.21 -7.67
N GLY A 17 -10.13 7.91 -7.59
CA GLY A 17 -11.17 7.77 -8.59
C GLY A 17 -12.34 6.92 -8.11
N SER A 18 -12.93 6.13 -9.00
CA SER A 18 -14.08 5.32 -8.69
C SER A 18 -13.78 3.88 -9.09
N VAL A 19 -14.03 2.94 -8.19
CA VAL A 19 -13.68 1.54 -8.42
C VAL A 19 -14.95 0.72 -8.30
N TYR A 20 -15.25 -0.04 -9.35
CA TYR A 20 -16.41 -0.90 -9.42
C TYR A 20 -16.00 -2.36 -9.44
N SER A 21 -16.87 -3.18 -8.87
CA SER A 21 -16.78 -4.63 -9.04
C SER A 21 -17.22 -4.97 -10.45
N GLY A 22 -16.58 -5.98 -11.03
CA GLY A 22 -16.77 -6.30 -12.43
C GLY A 22 -16.48 -7.75 -12.70
N ILE A 23 -16.85 -8.18 -13.90
CA ILE A 23 -16.66 -9.56 -14.33
C ILE A 23 -16.24 -9.55 -15.79
N ARG A 24 -15.09 -10.14 -16.09
CA ARG A 24 -14.68 -10.30 -17.47
C ARG A 24 -15.53 -11.40 -18.10
N VAL A 25 -16.25 -11.08 -19.18
CA VAL A 25 -17.29 -12.02 -19.62
C VAL A 25 -16.71 -13.22 -20.36
N SER A 26 -15.58 -13.05 -21.05
CA SER A 26 -15.01 -14.17 -21.79
C SER A 26 -14.68 -15.37 -20.91
N ASP A 27 -14.45 -15.16 -19.60
CA ASP A 27 -14.21 -16.30 -18.73
C ASP A 27 -14.72 -16.08 -17.30
N ASN A 28 -15.54 -15.06 -17.06
CA ASN A 28 -16.12 -14.76 -15.75
C ASN A 28 -15.05 -14.60 -14.67
N LEU A 29 -13.89 -14.08 -15.05
CA LEU A 29 -12.89 -13.70 -14.06
C LEU A 29 -13.38 -12.48 -13.30
N PRO A 30 -13.28 -12.47 -11.97
CA PRO A 30 -13.62 -11.25 -11.21
C PRO A 30 -12.57 -10.18 -11.45
N VAL A 31 -13.03 -8.94 -11.65
CA VAL A 31 -12.13 -7.81 -11.85
C VAL A 31 -12.64 -6.60 -11.07
N ALA A 32 -11.77 -5.62 -10.92
CA ALA A 32 -12.14 -4.32 -10.41
C ALA A 32 -11.90 -3.34 -11.53
N ILE A 33 -12.86 -2.45 -11.77
CA ILE A 33 -12.83 -1.50 -12.87
C ILE A 33 -12.68 -0.11 -12.30
N LYS A 34 -11.58 0.56 -12.59
CA LYS A 34 -11.27 1.85 -12.00
C LYS A 34 -11.28 2.95 -13.05
N HIS A 35 -12.04 4.02 -12.76
CA HIS A 35 -12.16 5.18 -13.64
C HIS A 35 -11.47 6.38 -13.00
N VAL A 36 -10.58 7.02 -13.76
CA VAL A 36 -9.90 8.23 -13.31
C VAL A 36 -10.11 9.29 -14.37
N GLU A 37 -10.59 10.47 -13.97
CA GLU A 37 -10.77 11.55 -14.92
C GLU A 37 -9.42 12.15 -15.28
N LYS A 38 -9.23 12.43 -16.58
CA LYS A 38 -7.95 12.96 -17.04
C LYS A 38 -7.58 14.25 -16.32
N ASP A 39 -8.55 15.16 -16.16
CA ASP A 39 -8.25 16.46 -15.58
C ASP A 39 -7.84 16.34 -14.11
N ARG A 40 -8.11 15.22 -13.46
CA ARG A 40 -7.72 15.02 -12.06
C ARG A 40 -6.41 14.26 -11.90
N ILE A 41 -5.76 13.84 -12.98
CA ILE A 41 -4.44 13.22 -12.90
C ILE A 41 -3.39 14.33 -12.94
N SER A 42 -2.41 14.26 -12.04
CA SER A 42 -1.36 15.26 -11.94
C SER A 42 -0.07 14.85 -12.63
N ASP A 43 0.48 13.68 -12.29
CA ASP A 43 1.73 13.18 -12.86
C ASP A 43 1.42 12.14 -13.94
N TRP A 44 1.91 12.38 -15.14
CA TRP A 44 1.74 11.47 -16.27
C TRP A 44 3.08 10.87 -16.61
N GLY A 45 3.12 9.54 -16.67
CA GLY A 45 4.23 8.85 -17.29
C GLY A 45 4.02 8.76 -18.77
N GLU A 46 4.74 7.83 -19.39
CA GLU A 46 4.48 7.45 -20.77
C GLU A 46 5.10 6.08 -21.02
N LEU A 47 4.42 5.22 -21.77
CA LEU A 47 4.95 3.89 -21.98
C LEU A 47 5.99 3.89 -23.10
N PRO A 48 6.79 2.83 -23.18
CA PRO A 48 7.90 2.81 -24.15
C PRO A 48 7.49 3.14 -25.57
N ASN A 49 6.38 2.60 -26.08
CA ASN A 49 5.97 2.81 -27.47
C ASN A 49 5.63 4.28 -27.77
N THR A 51 3.33 6.21 -25.84
CA THR A 51 2.15 7.06 -25.69
C THR A 51 1.87 7.50 -24.26
N ARG A 52 1.22 8.65 -24.16
CA ARG A 52 1.13 9.41 -22.92
C ARG A 52 0.04 8.87 -22.02
N VAL A 53 0.42 8.47 -20.80
CA VAL A 53 -0.51 7.78 -19.90
C VAL A 53 -0.44 8.31 -18.48
N PRO A 54 -1.39 7.94 -17.60
CA PRO A 54 -1.19 8.18 -16.17
C PRO A 54 0.02 7.42 -15.67
N MET A 55 0.81 8.10 -14.83
CA MET A 55 1.95 7.46 -14.17
C MET A 55 1.56 6.15 -13.51
N GLU A 56 0.31 6.05 -13.05
CA GLU A 56 -0.15 4.86 -12.38
C GLU A 56 -0.07 3.62 -13.28
N VAL A 57 -0.41 3.78 -14.56
CA VAL A 57 -0.29 2.66 -15.49
C VAL A 57 1.16 2.30 -15.74
N VAL A 58 2.03 3.31 -15.85
CA VAL A 58 3.45 3.04 -16.02
C VAL A 58 3.94 2.14 -14.91
N LEU A 59 3.66 2.52 -13.65
CA LEU A 59 4.19 1.81 -12.50
C LEU A 59 3.55 0.43 -12.37
N LEU A 60 2.24 0.34 -12.59
CA LEU A 60 1.57 -0.95 -12.51
C LEU A 60 2.15 -1.94 -13.51
N LYS A 61 2.40 -1.50 -14.75
CA LYS A 61 3.00 -2.42 -15.72
C LYS A 61 4.37 -2.87 -15.27
N LYS A 62 5.13 -1.98 -14.62
CA LYS A 62 6.45 -2.38 -14.17
C LYS A 62 6.38 -3.47 -13.10
N VAL A 63 5.34 -3.47 -12.27
CA VAL A 63 5.26 -4.43 -11.16
C VAL A 63 4.24 -5.52 -11.41
N SER A 64 3.53 -5.51 -12.54
CA SER A 64 2.47 -6.48 -12.74
C SER A 64 2.95 -7.78 -13.37
N SER A 65 4.19 -7.84 -13.84
CA SER A 65 4.67 -9.11 -14.39
C SER A 65 4.96 -10.08 -13.26
N GLY A 66 4.59 -11.35 -13.47
CA GLY A 66 4.76 -12.37 -12.45
C GLY A 66 3.77 -12.21 -11.30
N PHE A 67 3.88 -13.13 -10.36
CA PHE A 67 3.07 -13.08 -9.16
C PHE A 67 3.69 -12.15 -8.13
N SER A 68 2.84 -11.53 -7.32
CA SER A 68 3.31 -10.92 -6.07
C SER A 68 2.09 -10.53 -5.24
N GLY A 69 2.33 -9.74 -4.19
CA GLY A 69 1.30 -9.15 -3.37
C GLY A 69 1.04 -7.72 -3.81
N VAL A 70 0.94 -7.53 -5.13
CA VAL A 70 0.53 -6.28 -5.74
C VAL A 70 -0.64 -6.60 -6.67
N ILE A 71 -1.72 -5.84 -6.55
CA ILE A 71 -2.85 -6.07 -7.42
C ILE A 71 -2.28 -5.86 -8.81
N ARG A 72 -2.60 -6.76 -9.71
CA ARG A 72 -2.03 -6.68 -11.05
C ARG A 72 -2.99 -6.04 -12.04
N LEU A 73 -2.42 -5.24 -12.94
CA LEU A 73 -3.15 -4.60 -14.03
C LEU A 73 -3.35 -5.58 -15.17
N LEU A 74 -4.61 -5.87 -15.48
CA LEU A 74 -4.96 -6.79 -16.55
C LEU A 74 -5.07 -6.09 -17.89
N ASP A 75 -5.58 -4.86 -17.88
CA ASP A 75 -5.85 -4.14 -19.11
C ASP A 75 -6.17 -2.71 -18.73
N TRP A 76 -6.12 -1.82 -19.74
CA TRP A 76 -6.57 -0.44 -19.56
C TRP A 76 -7.10 0.07 -20.90
N PHE A 77 -7.95 1.10 -20.81
CA PHE A 77 -8.57 1.75 -21.97
C PHE A 77 -8.46 3.26 -21.82
N GLU A 78 -8.34 3.97 -22.94
CA GLU A 78 -8.44 5.43 -22.89
C GLU A 78 -9.82 5.85 -23.41
N ARG A 79 -10.42 6.83 -22.73
CA ARG A 79 -11.70 7.44 -23.09
C ARG A 79 -11.43 8.92 -23.32
N PRO A 80 -12.38 9.69 -23.87
CA PRO A 80 -12.06 11.10 -24.17
C PRO A 80 -11.64 11.90 -22.94
N ASP A 81 -12.27 11.67 -21.78
CA ASP A 81 -12.00 12.46 -20.59
C ASP A 81 -11.47 11.63 -19.42
N SER A 82 -11.18 10.36 -19.63
CA SER A 82 -10.87 9.50 -18.50
C SER A 82 -10.09 8.29 -18.96
N PHE A 83 -9.38 7.67 -18.03
CA PHE A 83 -8.76 6.37 -18.23
C PHE A 83 -9.49 5.34 -17.40
N VAL A 84 -9.55 4.11 -17.91
CA VAL A 84 -10.23 3.01 -17.24
C VAL A 84 -9.22 1.87 -17.08
N LEU A 85 -9.02 1.41 -15.84
CA LEU A 85 -8.09 0.32 -15.53
C LEU A 85 -8.84 -0.95 -15.17
N ILE A 86 -8.36 -2.07 -15.67
CA ILE A 86 -8.91 -3.37 -15.34
C ILE A 86 -7.92 -4.05 -14.40
N LEU A 87 -8.34 -4.30 -13.17
CA LEU A 87 -7.46 -4.79 -12.12
C LEU A 87 -8.03 -6.06 -11.55
N GLU A 88 -7.16 -6.95 -11.09
CA GLU A 88 -7.67 -8.20 -10.54
C GLU A 88 -8.45 -7.93 -9.26
N ARG A 89 -9.35 -8.85 -8.96
CA ARG A 89 -10.20 -8.72 -7.78
C ARG A 89 -10.30 -10.06 -7.06
N PRO A 90 -9.71 -10.18 -5.88
CA PRO A 90 -9.95 -11.36 -5.04
C PRO A 90 -11.37 -11.35 -4.51
N GLU A 91 -11.85 -12.54 -4.18
CA GLU A 91 -13.22 -12.76 -3.72
C GLU A 91 -13.25 -13.90 -2.70
N PRO A 92 -13.61 -13.61 -1.45
CA PRO A 92 -13.97 -12.30 -0.89
C PRO A 92 -12.71 -11.50 -0.56
N VAL A 93 -12.88 -10.18 -0.43
CA VAL A 93 -11.77 -9.26 -0.20
C VAL A 93 -12.25 -8.17 0.75
N GLN A 94 -11.32 -7.65 1.56
CA GLN A 94 -11.62 -6.53 2.42
C GLN A 94 -10.41 -5.62 2.51
N ASP A 95 -10.63 -4.33 2.34
CA ASP A 95 -9.62 -3.31 2.61
C ASP A 95 -9.10 -3.44 4.04
N LEU A 96 -7.78 -3.29 4.22
CA LEU A 96 -7.23 -3.42 5.57
C LEU A 96 -7.72 -2.31 6.49
N PHE A 97 -8.08 -1.16 5.91
CA PHE A 97 -8.64 -0.08 6.73
C PHE A 97 -9.97 -0.49 7.34
N ASP A 98 -10.89 -0.99 6.52
CA ASP A 98 -12.17 -1.47 7.05
C ASP A 98 -11.94 -2.63 8.01
N PHE A 99 -10.98 -3.49 7.69
CA PHE A 99 -10.66 -4.60 8.58
C PHE A 99 -10.24 -4.11 9.96
N ILE A 100 -9.43 -3.05 10.01
CA ILE A 100 -8.97 -2.53 11.30
C ILE A 100 -10.09 -1.77 12.01
N THR A 101 -10.89 -1.00 11.24
CA THR A 101 -12.10 -0.40 11.79
C THR A 101 -12.93 -1.43 12.55
N GLU A 102 -13.11 -2.62 11.96
CA GLU A 102 -13.98 -3.63 12.54
C GLU A 102 -13.38 -4.34 13.74
N ARG A 103 -12.08 -4.67 13.70
CA ARG A 103 -11.53 -5.52 14.74
C ARG A 103 -10.71 -4.77 15.77
N GLY A 104 -10.45 -3.48 15.56
CA GLY A 104 -9.56 -2.76 16.45
C GLY A 104 -8.11 -3.19 16.26
N ALA A 105 -7.32 -2.95 17.32
CA ALA A 105 -5.94 -3.41 17.36
C ALA A 105 -5.84 -4.90 17.07
N LEU A 106 -4.85 -5.27 16.26
CA LEU A 106 -4.69 -6.66 15.85
C LEU A 106 -3.71 -7.40 16.77
N GLN A 107 -4.00 -8.68 17.03
CA GLN A 107 -3.02 -9.53 17.68
C GLN A 107 -1.67 -9.43 16.95
N GLU A 108 -0.59 -9.41 17.73
CA GLU A 108 0.74 -9.27 17.16
C GLU A 108 1.06 -10.38 16.16
N GLU A 109 0.50 -11.58 16.35
CA GLU A 109 0.75 -12.66 15.40
C GLU A 109 0.17 -12.33 14.04
N LEU A 110 -1.04 -11.77 14.02
CA LEU A 110 -1.67 -11.40 12.75
C LEU A 110 -1.00 -10.16 12.14
N ALA A 111 -0.61 -9.20 12.97
CA ALA A 111 0.09 -8.03 12.46
C ALA A 111 1.42 -8.42 11.83
N ARG A 112 2.15 -9.36 12.46
CA ARG A 112 3.45 -9.80 11.95
C ARG A 112 3.31 -10.37 10.54
N SER A 113 2.34 -11.27 10.36
CA SER A 113 2.10 -11.88 9.05
C SER A 113 1.70 -10.83 8.02
N PHE A 114 0.75 -9.97 8.38
CA PHE A 114 0.36 -8.87 7.47
C PHE A 114 1.54 -7.97 7.16
N PHE A 115 2.27 -7.55 8.20
CA PHE A 115 3.41 -6.67 8.00
C PHE A 115 4.49 -7.35 7.14
N TRP A 116 4.79 -8.62 7.41
CA TRP A 116 5.75 -9.35 6.58
C TRP A 116 5.32 -9.30 5.12
N GLN A 117 4.06 -9.63 4.83
CA GLN A 117 3.60 -9.63 3.45
C GLN A 117 3.67 -8.25 2.83
N VAL A 118 3.46 -7.19 3.60
CA VAL A 118 3.60 -5.84 3.05
C VAL A 118 5.05 -5.56 2.67
N LEU A 119 5.97 -5.88 3.56
CA LEU A 119 7.39 -5.74 3.28
C LEU A 119 7.79 -6.48 2.01
N GLU A 120 7.36 -7.75 1.88
CA GLU A 120 7.67 -8.53 0.68
C GLU A 120 7.13 -7.83 -0.56
N ALA A 121 5.93 -7.25 -0.46
CA ALA A 121 5.32 -6.57 -1.60
C ALA A 121 6.06 -5.29 -1.93
N VAL A 122 6.42 -4.50 -0.92
CA VAL A 122 7.12 -3.25 -1.21
C VAL A 122 8.50 -3.54 -1.79
N ARG A 123 9.18 -4.57 -1.27
CA ARG A 123 10.47 -4.97 -1.82
C ARG A 123 10.35 -5.29 -3.31
N HIS A 124 9.33 -6.07 -3.66
CA HIS A 124 9.08 -6.37 -5.07
C HIS A 124 8.89 -5.09 -5.87
N CYS A 125 8.09 -4.15 -5.37
CA CYS A 125 7.93 -2.88 -6.08
C CYS A 125 9.28 -2.21 -6.31
N HIS A 126 10.11 -2.17 -5.25
CA HIS A 126 11.39 -1.48 -5.36
C HIS A 126 12.35 -2.18 -6.34
N ASN A 127 12.30 -3.52 -6.43
CA ASN A 127 13.14 -4.20 -7.42
C ASN A 127 12.71 -3.92 -8.84
N CYS A 128 11.43 -3.65 -9.05
CA CYS A 128 10.92 -3.26 -10.35
C CYS A 128 11.10 -1.79 -10.63
N GLY A 129 11.79 -1.06 -9.74
CA GLY A 129 12.01 0.36 -9.94
C GLY A 129 10.83 1.26 -9.63
N VAL A 130 9.94 0.85 -8.73
CA VAL A 130 8.70 1.58 -8.44
C VAL A 130 8.67 1.95 -6.97
N LEU A 131 8.48 3.23 -6.69
CA LEU A 131 8.24 3.72 -5.35
C LEU A 131 6.75 4.02 -5.18
N HIS A 132 6.12 3.40 -4.18
CA HIS A 132 4.66 3.55 -4.03
C HIS A 132 4.29 4.95 -3.52
N ARG A 133 4.91 5.39 -2.44
CA ARG A 133 4.70 6.74 -1.92
C ARG A 133 3.38 6.98 -1.20
N ASP A 134 2.58 5.94 -1.01
CA ASP A 134 1.33 6.12 -0.28
C ASP A 134 0.96 4.83 0.42
N ILE A 135 1.94 4.19 1.06
CA ILE A 135 1.68 2.95 1.81
C ILE A 135 0.87 3.29 3.04
N LYS A 136 -0.30 2.67 3.18
CA LYS A 136 -1.18 2.83 4.34
C LYS A 136 -2.23 1.73 4.28
N ASP A 137 -3.01 1.59 5.37
CA ASP A 137 -3.94 0.45 5.46
C ASP A 137 -5.03 0.52 4.41
N GLU A 138 -5.43 1.73 4.02
CA GLU A 138 -6.42 1.90 2.95
C GLU A 138 -5.93 1.34 1.62
N ASN A 139 -4.62 1.33 1.39
CA ASN A 139 -4.10 0.90 0.11
C ASN A 139 -3.64 -0.55 0.13
N ILE A 140 -4.21 -1.36 1.02
CA ILE A 140 -3.86 -2.76 1.17
C ILE A 140 -5.15 -3.56 1.22
N LEU A 141 -5.25 -4.58 0.37
CA LEU A 141 -6.41 -5.46 0.31
C LEU A 141 -6.05 -6.79 0.93
N ILE A 142 -7.03 -7.39 1.61
CA ILE A 142 -6.91 -8.73 2.16
C ILE A 142 -7.73 -9.68 1.30
N ASP A 143 -7.07 -10.65 0.70
CA ASP A 143 -7.71 -11.82 0.10
C ASP A 143 -8.08 -12.71 1.26
N LEU A 144 -9.34 -12.65 1.69
CA LEU A 144 -9.72 -13.27 2.96
C LEU A 144 -9.58 -14.79 2.93
N ASN A 145 -9.74 -15.41 1.78
CA ASN A 145 -9.66 -16.86 1.77
C ASN A 145 -8.23 -17.34 1.85
N ARG A 146 -7.34 -16.72 1.09
CA ARG A 146 -5.95 -17.16 1.06
C ARG A 146 -5.09 -16.46 2.12
N GLY A 147 -5.61 -15.44 2.80
CA GLY A 147 -4.78 -14.72 3.76
C GLY A 147 -3.62 -13.95 3.16
N GLU A 148 -3.74 -13.50 1.92
CA GLU A 148 -2.70 -12.78 1.21
C GLU A 148 -3.06 -11.31 1.11
N LEU A 149 -2.10 -10.44 1.37
CA LEU A 149 -2.30 -9.00 1.25
C LEU A 149 -1.84 -8.53 -0.12
N LYS A 150 -2.53 -7.53 -0.66
CA LYS A 150 -2.24 -7.00 -1.98
C LYS A 150 -2.27 -5.48 -1.92
N LEU A 151 -1.20 -4.88 -2.44
CA LEU A 151 -1.03 -3.44 -2.47
C LEU A 151 -1.79 -2.84 -3.65
N ILE A 152 -2.40 -1.68 -3.45
CA ILE A 152 -3.18 -1.02 -4.50
C ILE A 152 -2.91 0.47 -4.45
N ASP A 153 -3.40 1.16 -5.48
CA ASP A 153 -3.38 2.61 -5.62
C ASP A 153 -1.95 3.16 -5.79
N PHE A 154 -1.46 3.02 -7.01
CA PHE A 154 -0.17 3.60 -7.34
C PHE A 154 -0.26 5.01 -7.90
N GLY A 155 -1.40 5.68 -7.75
CA GLY A 155 -1.59 6.98 -8.38
C GLY A 155 -0.79 8.10 -7.77
N SER A 156 -0.05 7.86 -6.68
CA SER A 156 0.85 8.85 -6.09
C SER A 156 2.30 8.43 -6.18
N GLY A 157 2.60 7.35 -6.90
CA GLY A 157 3.92 6.79 -6.90
C GLY A 157 4.86 7.49 -7.86
N ALA A 158 6.05 6.90 -8.01
CA ALA A 158 7.08 7.42 -8.90
C ALA A 158 8.04 6.30 -9.24
N LEU A 159 8.77 6.49 -10.34
CA LEU A 159 9.96 5.67 -10.58
C LEU A 159 10.88 5.78 -9.38
N LEU A 160 11.46 4.65 -8.96
CA LEU A 160 12.42 4.69 -7.87
C LEU A 160 13.72 5.33 -8.36
N LYS A 161 14.33 6.14 -7.49
CA LYS A 161 15.58 6.81 -7.82
C LYS A 161 16.38 6.99 -6.54
N ASP A 162 17.67 7.26 -6.70
CA ASP A 162 18.58 7.37 -5.57
C ASP A 162 18.80 8.83 -5.15
N THR A 163 18.36 9.78 -5.96
CA THR A 163 18.43 11.20 -5.66
C THR A 163 17.21 11.62 -4.85
N VAL A 164 17.19 12.87 -4.40
CA VAL A 164 16.17 13.34 -3.49
C VAL A 164 14.87 13.61 -4.23
N TYR A 165 13.74 13.29 -3.59
CA TYR A 165 12.44 13.71 -4.06
C TYR A 165 12.07 15.04 -3.42
N THR A 166 11.53 15.95 -4.23
CA THR A 166 11.06 17.23 -3.71
C THR A 166 9.57 17.40 -4.00
N ASP A 167 8.90 16.37 -4.49
CA ASP A 167 7.45 16.37 -4.67
C ASP A 167 6.81 15.23 -3.89
N PHE A 168 5.61 15.49 -3.36
CA PHE A 168 4.88 14.46 -2.63
C PHE A 168 3.39 14.76 -2.67
N ASP A 169 2.59 13.77 -3.06
CA ASP A 169 1.15 13.94 -3.14
C ASP A 169 0.41 12.80 -2.44
N GLY A 170 1.07 12.10 -1.52
CA GLY A 170 0.46 11.00 -0.81
C GLY A 170 -0.17 11.43 0.49
N THR A 171 -0.35 10.49 1.41
CA THR A 171 -1.03 10.78 2.66
C THR A 171 -0.09 11.45 3.67
N ARG A 172 -0.47 12.64 4.13
CA ARG A 172 0.45 13.46 4.91
C ARG A 172 0.77 12.85 6.27
N VAL A 173 -0.24 12.32 6.98
CA VAL A 173 -0.01 11.76 8.31
C VAL A 173 0.87 10.52 8.25
N TYR A 174 1.12 9.97 7.06
CA TYR A 174 2.07 8.88 6.86
C TYR A 174 3.42 9.36 6.33
N SER A 175 3.57 10.67 6.05
CA SER A 175 4.79 11.16 5.44
C SER A 175 5.83 11.47 6.51
N PRO A 176 7.11 11.46 6.15
CA PRO A 176 8.17 11.54 7.15
C PRO A 176 8.41 12.97 7.59
N PRO A 177 9.11 13.15 8.71
CA PRO A 177 9.39 14.51 9.19
C PRO A 177 10.25 15.33 8.25
N GLU A 178 11.16 14.69 7.50
CA GLU A 178 11.97 15.50 6.60
C GLU A 178 11.14 16.06 5.47
N TRP A 179 10.01 15.43 5.12
CA TRP A 179 9.11 16.04 4.15
C TRP A 179 8.39 17.26 4.73
N ILE A 180 7.97 17.18 6.00
CA ILE A 180 7.19 18.25 6.63
C ILE A 180 8.04 19.52 6.79
N ARG A 181 9.27 19.37 7.26
CA ARG A 181 10.16 20.51 7.55
C ARG A 181 10.87 21.05 6.32
N TYR A 182 11.30 20.19 5.40
CA TYR A 182 12.19 20.60 4.32
C TYR A 182 11.65 20.30 2.93
N HIS A 183 10.55 19.57 2.82
CA HIS A 183 10.00 19.17 1.52
C HIS A 183 11.03 18.41 0.69
N ARG A 184 11.79 17.52 1.35
CA ARG A 184 12.80 16.67 0.73
C ARG A 184 12.81 15.32 1.43
N TYR A 185 12.96 14.25 0.64
CA TYR A 185 13.02 12.90 1.17
C TYR A 185 13.64 11.98 0.11
N HIS A 186 14.14 10.85 0.55
CA HIS A 186 14.61 9.80 -0.33
C HIS A 186 13.61 8.65 -0.27
N GLY A 187 13.57 7.88 -1.35
CA GLY A 187 12.47 6.95 -1.52
C GLY A 187 12.35 5.96 -0.38
N ARG A 188 13.43 5.26 -0.08
CA ARG A 188 13.32 4.07 0.74
C ARG A 188 13.16 4.44 2.21
N SER A 189 13.82 5.48 2.68
CA SER A 189 13.68 5.82 4.08
C SER A 189 12.34 6.51 4.37
N ALA A 190 11.76 7.19 3.40
CA ALA A 190 10.40 7.67 3.57
C ALA A 190 9.42 6.49 3.55
N ALA A 191 9.72 5.46 2.76
CA ALA A 191 8.89 4.26 2.74
C ALA A 191 8.96 3.53 4.07
N VAL A 192 10.16 3.45 4.66
CA VAL A 192 10.32 2.80 5.95
C VAL A 192 9.53 3.56 7.03
N TRP A 193 9.59 4.89 7.00
CA TRP A 193 8.80 5.69 7.95
C TRP A 193 7.32 5.31 7.87
N SER A 194 6.78 5.29 6.66
CA SER A 194 5.37 5.00 6.48
C SER A 194 5.04 3.58 6.93
N LEU A 195 5.97 2.64 6.72
CA LEU A 195 5.77 1.31 7.26
C LEU A 195 5.76 1.34 8.79
N GLY A 196 6.57 2.21 9.39
CA GLY A 196 6.47 2.44 10.83
C GLY A 196 5.08 2.87 11.25
N ILE A 197 4.49 3.81 10.50
CA ILE A 197 3.12 4.25 10.80
C ILE A 197 2.15 3.09 10.64
N LEU A 198 2.29 2.35 9.53
CA LEU A 198 1.42 1.21 9.27
C LEU A 198 1.47 0.18 10.38
N LEU A 199 2.69 -0.19 10.81
CA LEU A 199 2.81 -1.21 11.84
C LEU A 199 2.15 -0.73 13.14
N TYR A 200 2.41 0.53 13.52
CA TYR A 200 1.75 1.08 14.70
C TYR A 200 0.23 0.99 14.56
N ASP A 201 -0.29 1.38 13.39
CA ASP A 201 -1.73 1.37 13.14
C ASP A 201 -2.32 -0.02 13.31
N MET A 202 -1.58 -1.06 12.91
CA MET A 202 -2.09 -2.42 13.01
C MET A 202 -2.16 -2.89 14.46
N VAL A 203 -1.15 -2.57 15.26
CA VAL A 203 -1.06 -3.12 16.61
C VAL A 203 -1.74 -2.23 17.64
N CYS A 204 -2.13 -1.01 17.26
CA CYS A 204 -2.86 -0.11 18.16
C CYS A 204 -4.25 0.25 17.66
N GLY A 205 -4.58 -0.05 16.40
CA GLY A 205 -5.86 0.28 15.81
C GLY A 205 -5.99 1.69 15.27
N ASP A 206 -4.94 2.48 15.31
CA ASP A 206 -4.99 3.87 14.86
C ASP A 206 -3.58 4.35 14.60
N ILE A 207 -3.47 5.40 13.79
CA ILE A 207 -2.17 5.98 13.44
C ILE A 207 -1.64 6.77 14.63
N PRO A 208 -0.32 6.88 14.79
CA PRO A 208 0.23 7.48 16.02
C PRO A 208 0.24 8.99 15.99
N PHE A 209 0.21 9.60 14.81
CA PHE A 209 0.41 11.03 14.66
C PHE A 209 -0.75 11.61 13.90
N GLU A 210 -1.31 12.70 14.41
CA GLU A 210 -2.39 13.39 13.72
C GLU A 210 -1.99 14.74 13.14
N HIS A 211 -0.93 15.36 13.67
CA HIS A 211 -0.57 16.72 13.31
C HIS A 211 0.93 16.81 13.03
N ASP A 212 1.29 17.82 12.23
CA ASP A 212 2.67 18.05 11.83
C ASP A 212 3.64 18.02 13.02
N GLU A 213 3.29 18.71 14.11
CA GLU A 213 4.22 18.81 15.24
C GLU A 213 4.47 17.47 15.90
N GLU A 214 3.46 16.59 15.92
CA GLU A 214 3.69 15.24 16.40
C GLU A 214 4.62 14.48 15.47
N ILE A 215 4.43 14.63 14.16
CA ILE A 215 5.34 14.01 13.19
C ILE A 215 6.77 14.50 13.44
N ILE A 216 6.95 15.82 13.51
CA ILE A 216 8.27 16.43 13.69
C ILE A 216 8.90 16.07 15.02
N ARG A 217 8.09 15.95 16.08
CA ARG A 217 8.66 15.57 17.36
C ARG A 217 9.02 14.08 17.38
N GLY A 218 8.27 13.25 16.65
CA GLY A 218 8.56 11.84 16.52
C GLY A 218 8.57 11.03 17.80
N GLN A 219 7.89 11.49 18.85
CA GLN A 219 7.74 10.68 20.05
C GLN A 219 6.52 9.78 19.92
N VAL A 220 6.71 8.49 20.15
CA VAL A 220 5.71 7.47 19.94
C VAL A 220 5.14 7.09 21.29
N PHE A 221 3.82 7.21 21.46
CA PHE A 221 3.18 6.77 22.69
C PHE A 221 2.24 5.61 22.37
N PHE A 222 2.34 4.54 23.13
CA PHE A 222 1.50 3.37 22.91
C PHE A 222 0.28 3.41 23.83
N ARG A 223 -0.90 3.39 23.22
CA ARG A 223 -2.18 3.39 23.91
C ARG A 223 -2.73 1.99 24.12
N GLN A 224 -2.08 0.97 23.54
CA GLN A 224 -2.40 -0.43 23.76
C GLN A 224 -1.17 -1.18 24.25
N ARG A 225 -1.40 -2.33 24.88
CA ARG A 225 -0.28 -3.19 25.23
C ARG A 225 0.32 -3.77 23.96
N VAL A 226 1.64 -3.58 23.82
CA VAL A 226 2.41 -3.99 22.66
C VAL A 226 3.76 -4.47 23.18
N SER A 227 4.21 -5.63 22.71
CA SER A 227 5.47 -6.20 23.16
C SER A 227 6.61 -5.21 22.96
N SER A 228 7.65 -5.39 23.79
CA SER A 228 8.81 -4.53 23.71
C SER A 228 9.53 -4.65 22.37
N GLU A 229 9.50 -5.83 21.74
CA GLU A 229 10.17 -5.97 20.46
C GLU A 229 9.41 -5.22 19.38
N CYS A 230 8.08 -5.30 19.39
CA CYS A 230 7.29 -4.58 18.40
C CYS A 230 7.46 -3.08 18.58
N GLN A 231 7.41 -2.61 19.84
CA GLN A 231 7.68 -1.21 20.12
C GLN A 231 9.05 -0.79 19.59
N HIS A 232 10.07 -1.62 19.79
CA HIS A 232 11.43 -1.25 19.39
C HIS A 232 11.53 -1.11 17.87
N LEU A 233 10.90 -2.05 17.13
CA LEU A 233 10.85 -1.99 15.67
C LEU A 233 10.09 -0.78 15.17
N ILE A 234 8.94 -0.48 15.78
CA ILE A 234 8.19 0.70 15.37
C ILE A 234 9.04 1.95 15.54
N ARG A 235 9.75 2.06 16.67
CA ARG A 235 10.49 3.29 16.92
C ARG A 235 11.70 3.38 16.03
N TRP A 236 12.30 2.25 15.68
CA TRP A 236 13.38 2.23 14.71
C TRP A 236 12.90 2.76 13.35
N CYS A 237 11.75 2.28 12.85
CA CYS A 237 11.24 2.77 11.58
C CYS A 237 10.88 4.25 11.64
N LEU A 238 10.52 4.74 12.83
CA LEU A 238 10.14 6.14 13.02
C LEU A 238 11.28 6.99 13.54
N ALA A 239 12.51 6.49 13.42
CA ALA A 239 13.71 7.32 13.61
C ALA A 239 13.59 8.65 12.87
N LEU A 240 13.94 9.73 13.58
CA LEU A 240 13.77 11.07 13.02
C LEU A 240 14.75 11.36 11.87
N ARG A 241 16.01 10.92 12.02
CA ARG A 241 16.96 11.03 10.92
C ARG A 241 16.71 9.89 9.94
N PRO A 242 16.43 10.17 8.66
CA PRO A 242 16.25 9.07 7.69
C PRO A 242 17.34 8.00 7.77
N SER A 243 18.61 8.38 7.89
CA SER A 243 19.66 7.39 7.91
C SER A 243 19.70 6.58 9.20
N ASP A 244 18.97 6.97 10.22
CA ASP A 244 18.84 6.09 11.39
C ASP A 244 17.77 5.01 11.19
N ARG A 245 16.99 5.07 10.11
CA ARG A 245 15.95 4.09 9.88
C ARG A 245 16.53 2.77 9.36
N PRO A 246 15.86 1.65 9.65
CA PRO A 246 16.35 0.34 9.20
C PRO A 246 16.14 0.16 7.71
N THR A 247 17.05 -0.61 7.09
CA THR A 247 16.82 -1.12 5.74
C THR A 247 15.70 -2.16 5.78
N PHE A 248 15.15 -2.44 4.58
CA PHE A 248 14.19 -3.54 4.44
C PHE A 248 14.73 -4.81 5.05
N GLU A 249 16.02 -5.08 4.84
CA GLU A 249 16.62 -6.29 5.38
C GLU A 249 16.67 -6.26 6.89
N GLU A 250 17.04 -5.12 7.48
CA GLU A 250 17.08 -5.02 8.94
C GLU A 250 15.70 -5.18 9.55
N ILE A 251 14.65 -4.71 8.87
CA ILE A 251 13.30 -4.96 9.37
C ILE A 251 13.03 -6.46 9.43
N GLN A 252 13.29 -7.17 8.32
CA GLN A 252 12.93 -8.58 8.25
C GLN A 252 13.84 -9.46 9.08
N ASN A 253 15.02 -8.97 9.48
CA ASN A 253 15.84 -9.71 10.42
C ASN A 253 15.60 -9.32 11.87
N HIS A 254 14.79 -8.28 12.12
CA HIS A 254 14.46 -7.86 13.46
C HIS A 254 13.85 -9.03 14.24
N PRO A 255 14.14 -9.14 15.54
CA PRO A 255 13.55 -10.24 16.33
C PRO A 255 12.02 -10.29 16.32
N TRP A 256 11.30 -9.16 16.20
CA TRP A 256 9.84 -9.23 16.21
C TRP A 256 9.29 -9.90 14.96
N MET A 257 10.05 -9.89 13.85
CA MET A 257 9.62 -10.42 12.57
C MET A 257 9.90 -11.90 12.39
N GLN A 258 10.36 -12.62 13.42
CA GLN A 258 10.75 -14.01 13.23
C GLN A 258 9.54 -14.94 13.33
N ASP A 259 9.64 -16.09 12.63
CA ASP A 259 8.65 -17.17 12.71
C ASP A 259 7.26 -16.72 12.22
N VAL A 260 7.24 -16.05 11.07
CA VAL A 260 5.97 -15.57 10.54
C VAL A 260 5.09 -16.75 10.14
N LEU A 261 3.78 -16.55 10.27
CA LEU A 261 2.86 -17.50 9.69
C LEU A 261 2.90 -17.40 8.17
N LEU A 262 2.66 -18.54 7.51
CA LEU A 262 2.32 -18.52 6.11
C LEU A 262 0.91 -17.94 5.89
N PRO A 263 0.62 -17.42 4.68
CA PRO A 263 -0.65 -16.70 4.51
C PRO A 263 -1.88 -17.57 4.71
N GLN A 264 -1.88 -18.81 4.20
CA GLN A 264 -3.04 -19.67 4.42
C GLN A 264 -3.21 -20.02 5.89
N GLU A 265 -2.11 -20.21 6.62
CA GLU A 265 -2.19 -20.33 8.07
C GLU A 265 -2.87 -19.12 8.68
N THR A 266 -2.46 -17.93 8.22
CA THR A 266 -3.03 -16.69 8.73
C THR A 266 -4.54 -16.68 8.56
N ALA A 267 -5.01 -17.15 7.42
CA ALA A 267 -6.45 -17.15 7.17
C ALA A 267 -7.15 -18.14 8.09
N GLU A 268 -6.56 -19.33 8.27
CA GLU A 268 -7.20 -20.37 9.06
C GLU A 268 -7.34 -19.96 10.52
N ILE A 269 -6.33 -19.28 11.06
CA ILE A 269 -6.32 -18.91 12.47
C ILE A 269 -7.09 -17.61 12.71
N HIS A 270 -6.91 -16.62 11.84
CA HIS A 270 -7.34 -15.27 12.15
C HIS A 270 -8.48 -14.75 11.28
N LEU A 271 -8.78 -15.39 10.16
CA LEU A 271 -9.81 -14.88 9.26
C LEU A 271 -10.90 -15.90 8.98
N HIS A 272 -10.98 -16.99 9.77
CA HIS A 272 -12.17 -17.85 9.79
C HIS A 272 -12.28 -18.66 8.49
N SER A 273 -11.15 -19.04 7.92
CA SER A 273 -11.11 -19.69 6.59
C SER A 273 -11.42 -21.19 6.64
CAR 7GK B . -14.44 1.02 0.57
CAS 7GK B . -14.47 1.31 2.07
NAT 7GK B . -14.26 2.73 2.40
CAU 7GK B . -12.92 3.03 1.86
CAV 7GK B . -12.82 2.83 0.36
NAQ 7GK B . -13.14 1.43 0.02
CAN 7GK B . -12.52 0.76 -0.96
CAO 7GK B . -12.86 -0.55 -1.23
CAP 7GK B . -12.21 -1.25 -2.24
CAM 7GK B . -11.52 1.39 -1.70
CAL 7GK B . -10.88 0.69 -2.72
CAJ 7GK B . -11.22 -0.62 -2.98
CAH 7GK B . -10.60 -1.28 -3.96
CAI 7GK B . -10.82 -2.55 -4.28
CAE 7GK B . -10.00 -2.84 -5.29
CAD 7GK B . -9.82 -3.96 -5.98
CAK 7GK B . -10.60 -5.11 -5.67
NAW 7GK B . -11.22 -6.04 -5.42
CAA 7GK B . -8.89 -4.03 -7.00
CAB 7GK B . -8.14 -2.90 -7.29
NAC 7GK B . -8.36 -1.75 -6.55
CAF 7GK B . -9.28 -1.75 -5.56
NAG 7GK B . -9.65 -0.78 -4.73
#